data_3OXD
#
_entry.id   3OXD
#
_cell.length_a   83.969
_cell.length_b   83.969
_cell.length_c   199.998
_cell.angle_alpha   90.00
_cell.angle_beta   90.00
_cell.angle_gamma   120.00
#
_symmetry.space_group_name_H-M   'P 32 2 1'
#
loop_
_entity.id
_entity.type
_entity.pdbx_description
1 polymer 'domain II of glycine riboswitch'
2 polymer 'domain II of glycine riboswitch'
3 non-polymer 'MAGNESIUM ION'
4 water water
#
loop_
_entity_poly.entity_id
_entity_poly.type
_entity_poly.pdbx_seq_one_letter_code
_entity_poly.pdbx_strand_id
1 'polyribonucleotide'
;(GDP)GCUCUGGAGAGAACCGUUUAAUCGGUCGCCGAACGAGCAAGCUCUGCGGAAACGCAGAGUGAAACUCUGAGGCAA
AAGGACAGAGU(CCC)
;
A
2 'polyribonucleotide'
;GGCUCUGGAGAGAACCGUUUAAUCGGUCGCCGAACGAGCAAGCUCUGCGGAAACGCAGAGUGAAACUCUGAGGCAAAAGG
ACAGAGU(CCC)
;
B
#